data_7OVZ
#
_entry.id   7OVZ
#
_entity_poly.entity_id   1
_entity_poly.type   'polypeptide(L)'
_entity_poly.pdbx_seq_one_letter_code
;GIGTKILGGVKTALKGALKELASTYAN
;
_entity_poly.pdbx_strand_id   M
#
# COMPACT_ATOMS: atom_id res chain seq x y z
N GLY A 1 7.25 8.92 15.01
CA GLY A 1 6.70 7.97 15.94
C GLY A 1 5.36 7.51 15.49
N ILE A 2 4.45 8.47 15.23
CA ILE A 2 3.14 8.21 14.63
C ILE A 2 3.26 8.58 13.15
N GLY A 3 4.43 9.12 12.72
CA GLY A 3 4.85 9.25 11.33
C GLY A 3 4.96 7.92 10.62
N THR A 4 5.09 6.83 11.40
CA THR A 4 5.01 5.43 10.99
C THR A 4 3.75 5.11 10.23
N LYS A 5 2.60 5.72 10.60
CA LYS A 5 1.31 5.63 9.93
C LYS A 5 1.38 6.04 8.47
N ILE A 6 2.05 7.18 8.15
CA ILE A 6 2.08 7.73 6.81
C ILE A 6 3.36 7.36 6.08
N LEU A 7 4.31 6.68 6.76
CA LEU A 7 5.49 6.10 6.17
C LEU A 7 5.34 4.59 6.07
N GLY A 8 5.78 3.84 7.10
CA GLY A 8 5.84 2.38 7.07
C GLY A 8 4.54 1.65 6.88
N GLY A 9 3.42 2.24 7.33
CA GLY A 9 2.08 1.67 7.20
C GLY A 9 1.44 1.91 5.86
N VAL A 10 0.90 3.13 5.63
CA VAL A 10 0.12 3.45 4.42
C VAL A 10 0.90 3.28 3.12
N LYS A 11 2.20 3.66 3.08
CA LYS A 11 2.99 3.45 1.88
C LYS A 11 3.29 1.98 1.62
N THR A 12 3.44 1.14 2.68
CA THR A 12 3.46 -0.33 2.52
C THR A 12 2.14 -0.89 2.01
N ALA A 13 1.00 -0.40 2.51
CA ALA A 13 -0.31 -0.80 2.05
C ALA A 13 -0.55 -0.53 0.56
N LEU A 14 -0.20 0.67 0.05
CA LEU A 14 -0.27 0.94 -1.38
C LEU A 14 0.74 0.15 -2.22
N LYS A 15 1.99 0.02 -1.73
CA LYS A 15 3.08 -0.75 -2.33
C LYS A 15 2.78 -2.22 -2.51
N GLY A 16 2.09 -2.83 -1.52
CA GLY A 16 1.71 -4.24 -1.55
C GLY A 16 0.29 -4.44 -1.97
N ALA A 17 -0.66 -4.26 -1.03
CA ALA A 17 -2.03 -4.66 -1.19
C ALA A 17 -2.80 -3.99 -2.32
N LEU A 18 -2.75 -2.64 -2.42
CA LEU A 18 -3.42 -1.92 -3.51
C LEU A 18 -2.77 -2.22 -4.85
N LYS A 19 -1.41 -2.24 -4.90
CA LYS A 19 -0.67 -2.60 -6.08
C LYS A 19 -0.98 -4.00 -6.60
N GLU A 20 -1.11 -5.00 -5.72
CA GLU A 20 -1.49 -6.34 -6.14
C GLU A 20 -2.96 -6.46 -6.54
N LEU A 21 -3.88 -5.88 -5.74
CA LEU A 21 -5.31 -5.91 -6.00
C LEU A 21 -5.69 -5.19 -7.28
N ALA A 22 -5.23 -3.94 -7.48
CA ALA A 22 -5.51 -3.17 -8.69
C ALA A 22 -4.91 -3.80 -9.93
N SER A 23 -3.66 -4.30 -9.83
CA SER A 23 -2.94 -4.95 -10.92
C SER A 23 -3.63 -6.20 -11.42
N THR A 24 -4.23 -7.03 -10.54
CA THR A 24 -4.95 -8.22 -10.98
C THR A 24 -6.45 -8.04 -11.01
N TYR A 25 -6.94 -6.80 -10.84
CA TYR A 25 -8.26 -6.37 -11.26
C TYR A 25 -8.19 -5.89 -12.71
N ALA A 26 -7.23 -5.00 -13.02
CA ALA A 26 -6.95 -4.53 -14.37
C ALA A 26 -6.40 -5.62 -15.30
N ASN A 27 -5.47 -6.46 -14.79
CA ASN A 27 -4.91 -7.60 -15.49
C ASN A 27 -4.14 -7.27 -16.75
N GLY A 1 7.01 7.22 14.86
CA GLY A 1 5.78 7.06 15.62
C GLY A 1 4.63 7.01 14.65
N ILE A 2 3.98 8.16 14.40
CA ILE A 2 2.99 8.27 13.35
C ILE A 2 3.67 8.38 11.98
N GLY A 3 4.99 8.67 12.00
CA GLY A 3 5.88 8.50 10.85
C GLY A 3 5.99 7.05 10.43
N THR A 4 6.04 6.11 11.41
CA THR A 4 5.97 4.67 11.18
C THR A 4 4.63 4.25 10.60
N LYS A 5 3.53 4.86 11.07
CA LYS A 5 2.20 4.67 10.50
C LYS A 5 2.12 5.07 9.03
N ILE A 6 2.61 6.26 8.63
CA ILE A 6 2.52 6.70 7.25
C ILE A 6 3.63 6.16 6.34
N LEU A 7 4.92 6.22 6.75
CA LEU A 7 6.04 5.84 5.91
C LEU A 7 6.34 4.36 6.00
N GLY A 8 5.77 3.68 6.99
CA GLY A 8 5.78 2.23 7.10
C GLY A 8 4.49 1.67 6.58
N GLY A 9 3.44 1.67 7.43
CA GLY A 9 2.14 1.06 7.13
C GLY A 9 1.42 1.52 5.87
N VAL A 10 1.11 2.83 5.77
CA VAL A 10 0.38 3.39 4.62
C VAL A 10 1.17 3.26 3.33
N LYS A 11 2.49 3.53 3.36
CA LYS A 11 3.42 3.34 2.26
C LYS A 11 3.42 1.90 1.74
N THR A 12 3.44 0.92 2.66
CA THR A 12 3.39 -0.50 2.34
C THR A 12 2.06 -0.88 1.74
N ALA A 13 0.94 -0.37 2.27
CA ALA A 13 -0.36 -0.62 1.66
C ALA A 13 -0.55 0.02 0.27
N LEU A 14 -0.23 1.32 0.11
CA LEU A 14 -0.70 2.14 -1.00
C LEU A 14 -0.27 1.71 -2.41
N LYS A 15 0.97 1.20 -2.60
CA LYS A 15 1.29 0.49 -3.84
C LYS A 15 1.83 -0.91 -3.58
N GLY A 16 1.80 -1.40 -2.32
CA GLY A 16 2.34 -2.72 -2.00
C GLY A 16 1.28 -3.73 -1.66
N ALA A 17 0.05 -3.29 -1.37
CA ALA A 17 -1.13 -4.15 -1.34
C ALA A 17 -1.97 -3.92 -2.59
N LEU A 18 -1.90 -2.70 -3.18
CA LEU A 18 -2.63 -2.39 -4.40
C LEU A 18 -2.01 -3.02 -5.64
N LYS A 19 -0.73 -3.47 -5.58
CA LYS A 19 -0.18 -4.27 -6.68
C LYS A 19 -0.76 -5.69 -6.70
N GLU A 20 -1.41 -6.11 -5.60
CA GLU A 20 -2.20 -7.32 -5.56
C GLU A 20 -3.62 -7.02 -5.99
N LEU A 21 -4.29 -6.10 -5.25
CA LEU A 21 -5.72 -5.86 -5.37
C LEU A 21 -6.14 -5.05 -6.59
N ALA A 22 -5.52 -3.87 -6.81
CA ALA A 22 -5.86 -3.01 -7.93
C ALA A 22 -5.35 -3.59 -9.25
N SER A 23 -4.13 -4.16 -9.23
CA SER A 23 -3.54 -4.78 -10.41
C SER A 23 -4.32 -5.97 -10.94
N THR A 24 -4.92 -6.81 -10.07
CA THR A 24 -5.76 -7.92 -10.55
C THR A 24 -7.15 -7.47 -11.00
N TYR A 25 -7.55 -6.21 -10.71
CA TYR A 25 -8.76 -5.63 -11.25
C TYR A 25 -8.46 -5.03 -12.62
N ALA A 26 -7.41 -4.20 -12.72
CA ALA A 26 -6.97 -3.56 -13.96
C ALA A 26 -6.41 -4.53 -15.00
N ASN A 27 -5.58 -5.50 -14.59
CA ASN A 27 -4.95 -6.50 -15.45
C ASN A 27 -4.13 -5.93 -16.59
N GLY A 1 8.44 6.95 16.56
CA GLY A 1 8.09 5.81 15.73
C GLY A 1 6.72 5.97 15.15
N ILE A 2 5.91 6.86 15.74
CA ILE A 2 4.52 7.11 15.41
C ILE A 2 4.27 7.58 13.99
N GLY A 3 5.25 8.28 13.37
CA GLY A 3 5.15 8.74 11.98
C GLY A 3 5.27 7.63 10.96
N THR A 4 5.66 6.42 11.40
CA THR A 4 5.70 5.20 10.57
C THR A 4 4.32 4.87 10.03
N LYS A 5 3.25 5.23 10.77
CA LYS A 5 1.86 5.03 10.39
C LYS A 5 1.55 5.57 9.00
N ILE A 6 2.02 6.79 8.66
CA ILE A 6 1.72 7.41 7.37
C ILE A 6 2.87 7.21 6.37
N LEU A 7 3.96 6.56 6.80
CA LEU A 7 5.12 6.25 5.97
C LEU A 7 5.15 4.76 5.66
N GLY A 8 5.82 3.96 6.51
CA GLY A 8 6.04 2.53 6.28
C GLY A 8 4.85 1.65 6.54
N GLY A 9 3.75 2.22 7.07
CA GLY A 9 2.46 1.57 7.15
C GLY A 9 1.63 1.87 5.93
N VAL A 10 0.92 3.01 5.90
CA VAL A 10 -0.04 3.33 4.85
C VAL A 10 0.52 3.38 3.43
N LYS A 11 1.69 4.02 3.19
CA LYS A 11 2.26 4.06 1.86
C LYS A 11 2.76 2.71 1.35
N THR A 12 3.34 1.88 2.24
CA THR A 12 3.67 0.48 1.96
C THR A 12 2.44 -0.34 1.65
N ALA A 13 1.37 -0.19 2.46
CA ALA A 13 0.12 -0.89 2.27
C ALA A 13 -0.61 -0.54 0.97
N LEU A 14 -0.76 0.75 0.64
CA LEU A 14 -1.42 1.16 -0.60
C LEU A 14 -0.66 0.73 -1.84
N LYS A 15 0.68 0.83 -1.84
CA LYS A 15 1.45 0.46 -3.01
C LYS A 15 1.83 -1.02 -2.98
N GLY A 16 1.36 -1.73 -1.94
CA GLY A 16 1.37 -3.17 -1.81
C GLY A 16 0.10 -3.74 -2.39
N ALA A 17 -1.07 -3.22 -1.96
CA ALA A 17 -2.39 -3.59 -2.44
C ALA A 17 -2.60 -3.27 -3.92
N LEU A 18 -1.97 -2.19 -4.43
CA LEU A 18 -1.99 -1.91 -5.85
C LEU A 18 -1.23 -2.95 -6.69
N LYS A 19 -0.31 -3.73 -6.08
CA LYS A 19 0.49 -4.72 -6.78
C LYS A 19 -0.23 -6.02 -7.08
N GLU A 20 -1.32 -6.41 -6.37
CA GLU A 20 -2.13 -7.53 -6.81
C GLU A 20 -3.62 -7.31 -6.77
N LEU A 21 -4.17 -6.54 -5.82
CA LEU A 21 -5.60 -6.28 -5.73
C LEU A 21 -6.07 -5.36 -6.84
N ALA A 22 -5.39 -4.22 -7.04
CA ALA A 22 -5.65 -3.35 -8.20
C ALA A 22 -5.23 -4.02 -9.50
N SER A 23 -4.11 -4.75 -9.50
CA SER A 23 -3.54 -5.32 -10.71
C SER A 23 -4.14 -6.69 -11.06
N THR A 24 -5.26 -7.08 -10.41
CA THR A 24 -6.12 -8.16 -10.88
C THR A 24 -7.49 -7.64 -11.25
N TYR A 25 -7.69 -6.31 -11.22
CA TYR A 25 -8.96 -5.68 -11.56
C TYR A 25 -8.77 -4.71 -12.71
N ALA A 26 -7.66 -3.93 -12.68
CA ALA A 26 -7.28 -3.01 -13.74
C ALA A 26 -6.23 -3.64 -14.66
N ASN A 27 -5.94 -4.94 -14.47
CA ASN A 27 -5.12 -5.70 -15.37
C ASN A 27 -5.58 -7.14 -15.28
N GLY A 1 6.36 8.07 14.36
CA GLY A 1 5.58 7.14 15.15
C GLY A 1 4.21 7.08 14.58
N ILE A 2 3.42 8.17 14.76
CA ILE A 2 2.16 8.33 14.06
C ILE A 2 2.44 8.88 12.66
N GLY A 3 3.64 9.49 12.48
CA GLY A 3 4.25 9.74 11.18
C GLY A 3 4.68 8.47 10.50
N THR A 4 5.16 7.48 11.27
CA THR A 4 5.51 6.14 10.79
C THR A 4 4.32 5.42 10.21
N LYS A 5 3.11 5.58 10.81
CA LYS A 5 1.85 5.09 10.26
C LYS A 5 1.57 5.58 8.83
N ILE A 6 1.87 6.86 8.51
CA ILE A 6 1.61 7.41 7.17
C ILE A 6 2.84 7.31 6.28
N LEU A 7 3.91 6.66 6.77
CA LEU A 7 5.07 6.25 5.99
C LEU A 7 5.06 4.74 5.82
N GLY A 8 5.67 3.98 6.76
CA GLY A 8 5.90 2.54 6.64
C GLY A 8 4.69 1.69 6.87
N GLY A 9 3.56 2.30 7.24
CA GLY A 9 2.25 1.64 7.22
C GLY A 9 1.58 1.84 5.88
N VAL A 10 0.99 3.01 5.65
CA VAL A 10 0.18 3.30 4.47
C VAL A 10 0.89 3.17 3.13
N LYS A 11 2.15 3.65 2.99
CA LYS A 11 2.88 3.56 1.73
C LYS A 11 3.27 2.12 1.42
N THR A 12 3.66 1.34 2.46
CA THR A 12 3.87 -0.10 2.36
C THR A 12 2.61 -0.84 1.97
N ALA A 13 1.47 -0.50 2.58
CA ALA A 13 0.17 -1.06 2.28
C ALA A 13 -0.31 -0.82 0.86
N LEU A 14 -0.19 0.41 0.31
CA LEU A 14 -0.49 0.66 -1.09
C LEU A 14 0.47 -0.04 -2.05
N LYS A 15 1.78 -0.04 -1.73
CA LYS A 15 2.82 -0.72 -2.48
C LYS A 15 2.67 -2.24 -2.51
N GLY A 16 2.18 -2.86 -1.42
CA GLY A 16 1.92 -4.30 -1.39
C GLY A 16 0.54 -4.71 -1.80
N ALA A 17 -0.51 -4.16 -1.15
CA ALA A 17 -1.85 -4.70 -1.28
C ALA A 17 -2.62 -4.09 -2.43
N LEU A 18 -2.69 -2.75 -2.51
CA LEU A 18 -3.41 -2.05 -3.56
C LEU A 18 -2.77 -2.29 -4.92
N LYS A 19 -1.43 -2.28 -4.99
CA LYS A 19 -0.70 -2.65 -6.19
C LYS A 19 -0.97 -4.06 -6.67
N GLU A 20 -1.06 -5.06 -5.76
CA GLU A 20 -1.41 -6.41 -6.14
C GLU A 20 -2.88 -6.54 -6.56
N LEU A 21 -3.81 -5.97 -5.77
CA LEU A 21 -5.24 -6.01 -6.03
C LEU A 21 -5.65 -5.33 -7.32
N ALA A 22 -5.18 -4.08 -7.57
CA ALA A 22 -5.49 -3.36 -8.79
C ALA A 22 -4.92 -4.04 -10.02
N SER A 23 -3.69 -4.57 -9.92
CA SER A 23 -2.98 -5.22 -11.02
C SER A 23 -3.52 -6.58 -11.39
N THR A 24 -4.35 -7.19 -10.53
CA THR A 24 -4.95 -8.50 -10.80
C THR A 24 -6.46 -8.38 -11.00
N TYR A 25 -6.99 -7.14 -10.89
CA TYR A 25 -8.37 -6.78 -11.19
C TYR A 25 -8.42 -6.13 -12.56
N ALA A 26 -7.60 -5.09 -12.80
CA ALA A 26 -7.59 -4.34 -14.04
C ALA A 26 -6.52 -4.86 -15.01
N ASN A 27 -5.83 -5.94 -14.63
CA ASN A 27 -4.97 -6.66 -15.54
C ASN A 27 -4.78 -8.07 -15.01
N GLY A 1 7.35 6.68 16.06
CA GLY A 1 6.26 5.84 15.62
C GLY A 1 5.53 6.47 14.47
N ILE A 2 5.70 7.79 14.33
CA ILE A 2 5.10 8.62 13.29
C ILE A 2 5.48 8.15 11.89
N GLY A 3 6.77 7.80 11.66
CA GLY A 3 7.24 7.29 10.38
C GLY A 3 6.72 5.92 10.06
N THR A 4 6.57 5.05 11.07
CA THR A 4 5.97 3.73 10.92
C THR A 4 4.52 3.82 10.49
N LYS A 5 3.77 4.72 11.13
CA LYS A 5 2.39 5.02 10.79
C LYS A 5 2.19 5.65 9.41
N ILE A 6 2.84 6.80 9.11
CA ILE A 6 2.45 7.59 7.95
C ILE A 6 3.31 7.30 6.73
N LEU A 7 4.51 6.70 6.93
CA LEU A 7 5.35 6.28 5.83
C LEU A 7 5.18 4.79 5.66
N GLY A 8 5.72 3.99 6.61
CA GLY A 8 5.80 2.53 6.56
C GLY A 8 4.53 1.77 6.27
N GLY A 9 3.48 1.90 7.10
CA GLY A 9 2.27 1.10 6.93
C GLY A 9 1.45 1.51 5.74
N VAL A 10 1.28 2.82 5.54
CA VAL A 10 0.55 3.39 4.40
C VAL A 10 1.21 3.06 3.05
N LYS A 11 2.56 3.07 2.95
CA LYS A 11 3.23 2.74 1.69
C LYS A 11 3.58 1.25 1.62
N THR A 12 3.25 0.46 2.65
CA THR A 12 3.09 -0.97 2.52
C THR A 12 1.75 -1.29 1.90
N ALA A 13 0.66 -0.63 2.38
CA ALA A 13 -0.68 -0.86 1.85
C ALA A 13 -0.92 -0.41 0.41
N LEU A 14 -0.66 0.88 0.06
CA LEU A 14 -1.01 1.36 -1.28
C LEU A 14 -0.04 0.93 -2.35
N LYS A 15 1.18 0.53 -1.96
CA LYS A 15 2.24 0.11 -2.85
C LYS A 15 2.54 -1.36 -2.58
N GLY A 16 1.59 -2.11 -1.99
CA GLY A 16 1.72 -3.56 -1.90
C GLY A 16 0.40 -4.27 -2.02
N ALA A 17 -0.57 -3.94 -1.15
CA ALA A 17 -1.90 -4.55 -1.18
C ALA A 17 -2.70 -4.14 -2.42
N LEU A 18 -2.67 -2.84 -2.77
CA LEU A 18 -3.31 -2.33 -3.97
C LEU A 18 -2.53 -2.71 -5.23
N LYS A 19 -1.25 -3.12 -5.07
CA LYS A 19 -0.43 -3.62 -6.16
C LYS A 19 -0.86 -5.04 -6.54
N GLU A 20 -1.65 -5.73 -5.69
CA GLU A 20 -2.44 -6.88 -6.09
C GLU A 20 -3.85 -6.44 -6.44
N LEU A 21 -4.59 -5.86 -5.47
CA LEU A 21 -6.03 -5.63 -5.55
C LEU A 21 -6.51 -4.69 -6.66
N ALA A 22 -5.89 -3.50 -6.83
CA ALA A 22 -6.25 -2.62 -7.92
C ALA A 22 -5.72 -3.14 -9.24
N SER A 23 -4.50 -3.71 -9.21
CA SER A 23 -3.82 -4.27 -10.37
C SER A 23 -4.53 -5.45 -11.01
N THR A 24 -5.18 -6.32 -10.21
CA THR A 24 -5.90 -7.49 -10.72
C THR A 24 -7.25 -7.12 -11.29
N TYR A 25 -7.76 -5.90 -11.02
CA TYR A 25 -8.94 -5.38 -11.68
C TYR A 25 -8.53 -4.66 -12.97
N ALA A 26 -7.57 -3.72 -12.88
CA ALA A 26 -7.08 -2.94 -13.99
C ALA A 26 -6.34 -3.73 -15.06
N ASN A 27 -5.49 -4.70 -14.66
CA ASN A 27 -4.72 -5.57 -15.53
C ASN A 27 -3.81 -4.83 -16.51
N GLY A 1 7.74 7.89 14.82
CA GLY A 1 6.70 7.69 15.82
C GLY A 1 5.41 7.36 15.14
N ILE A 2 4.59 8.38 14.82
CA ILE A 2 3.32 8.18 14.14
C ILE A 2 3.52 8.24 12.64
N GLY A 3 4.81 8.38 12.22
CA GLY A 3 5.30 8.20 10.86
C GLY A 3 5.05 6.80 10.35
N THR A 4 4.90 5.83 11.27
CA THR A 4 4.40 4.49 11.02
C THR A 4 3.01 4.48 10.37
N LYS A 5 2.11 5.37 10.84
CA LYS A 5 0.71 5.43 10.50
C LYS A 5 0.43 6.40 9.35
N ILE A 6 1.46 6.95 8.70
CA ILE A 6 1.23 7.85 7.57
C ILE A 6 2.30 7.72 6.50
N LEU A 7 3.51 7.23 6.85
CA LEU A 7 4.56 6.92 5.92
C LEU A 7 4.68 5.40 5.82
N GLY A 8 5.33 4.75 6.80
CA GLY A 8 5.76 3.35 6.76
C GLY A 8 4.73 2.32 6.39
N GLY A 9 3.63 2.18 7.14
CA GLY A 9 2.62 1.18 6.82
C GLY A 9 1.73 1.59 5.67
N VAL A 10 1.28 2.84 5.69
CA VAL A 10 0.30 3.36 4.73
C VAL A 10 0.82 3.42 3.31
N LYS A 11 2.04 3.94 3.09
CA LYS A 11 2.56 4.08 1.75
C LYS A 11 3.10 2.77 1.20
N THR A 12 3.55 1.86 2.08
CA THR A 12 3.84 0.46 1.72
C THR A 12 2.58 -0.28 1.31
N ALA A 13 1.46 -0.12 2.06
CA ALA A 13 0.19 -0.71 1.71
C ALA A 13 -0.37 -0.23 0.37
N LEU A 14 -0.36 1.09 0.10
CA LEU A 14 -0.80 1.60 -1.20
C LEU A 14 0.10 1.19 -2.36
N LYS A 15 1.44 1.22 -2.19
CA LYS A 15 2.33 0.83 -3.27
C LYS A 15 2.48 -0.67 -3.46
N GLY A 16 2.17 -1.47 -2.43
CA GLY A 16 2.29 -2.92 -2.40
C GLY A 16 0.96 -3.59 -2.57
N ALA A 17 0.17 -3.67 -1.49
CA ALA A 17 -1.10 -4.38 -1.38
C ALA A 17 -2.21 -3.87 -2.28
N LEU A 18 -2.43 -2.54 -2.37
CA LEU A 18 -3.42 -1.98 -3.28
C LEU A 18 -3.05 -2.24 -4.74
N LYS A 19 -1.75 -2.17 -5.07
CA LYS A 19 -1.23 -2.62 -6.36
C LYS A 19 -1.49 -4.10 -6.61
N GLU A 20 -1.32 -4.98 -5.60
CA GLU A 20 -1.59 -6.40 -5.69
C GLU A 20 -3.06 -6.69 -6.01
N LEU A 21 -3.99 -5.98 -5.32
CA LEU A 21 -5.41 -6.02 -5.58
C LEU A 21 -5.76 -5.47 -6.97
N ALA A 22 -5.23 -4.30 -7.36
CA ALA A 22 -5.49 -3.69 -8.65
C ALA A 22 -4.97 -4.52 -9.82
N SER A 23 -3.73 -5.05 -9.73
CA SER A 23 -3.13 -5.86 -10.78
C SER A 23 -3.74 -7.24 -10.90
N THR A 24 -4.42 -7.76 -9.87
CA THR A 24 -5.07 -9.07 -9.95
C THR A 24 -6.35 -9.04 -10.77
N TYR A 25 -6.90 -7.82 -11.00
CA TYR A 25 -8.00 -7.56 -11.89
C TYR A 25 -7.48 -6.95 -13.20
N ALA A 26 -6.84 -5.77 -13.13
CA ALA A 26 -6.59 -4.93 -14.29
C ALA A 26 -5.22 -5.16 -14.92
N ASN A 27 -4.44 -6.15 -14.43
CA ASN A 27 -3.11 -6.49 -14.92
C ASN A 27 -2.13 -5.34 -14.73
N GLY A 1 6.07 8.25 14.98
CA GLY A 1 5.36 7.15 15.59
C GLY A 1 4.09 6.91 14.83
N ILE A 2 3.22 7.93 14.75
CA ILE A 2 2.08 7.91 13.85
C ILE A 2 2.54 8.40 12.48
N GLY A 3 3.73 9.04 12.42
CA GLY A 3 4.54 9.22 11.22
C GLY A 3 5.10 7.92 10.70
N THR A 4 5.49 6.98 11.59
CA THR A 4 5.83 5.60 11.24
C THR A 4 4.64 4.87 10.65
N LYS A 5 3.42 5.13 11.15
CA LYS A 5 2.20 4.70 10.49
C LYS A 5 2.01 5.31 9.09
N ILE A 6 2.17 6.65 8.92
CA ILE A 6 1.93 7.33 7.65
C ILE A 6 2.94 7.00 6.55
N LEU A 7 4.22 6.77 6.91
CA LEU A 7 5.22 6.38 5.94
C LEU A 7 5.42 4.88 5.97
N GLY A 8 6.00 4.35 7.07
CA GLY A 8 6.36 2.95 7.27
C GLY A 8 5.31 1.92 6.97
N GLY A 9 4.09 2.08 7.54
CA GLY A 9 2.98 1.16 7.26
C GLY A 9 2.21 1.47 6.01
N VAL A 10 1.80 2.73 5.82
CA VAL A 10 0.94 3.15 4.71
C VAL A 10 1.58 3.01 3.33
N LYS A 11 2.91 3.23 3.17
CA LYS A 11 3.57 2.97 1.89
C LYS A 11 3.47 1.50 1.43
N THR A 12 3.48 0.55 2.40
CA THR A 12 3.26 -0.87 2.14
C THR A 12 1.86 -1.09 1.61
N ALA A 13 0.84 -0.45 2.22
CA ALA A 13 -0.52 -0.54 1.74
C ALA A 13 -0.76 0.10 0.38
N LEU A 14 -0.29 1.35 0.16
CA LEU A 14 -0.71 2.18 -0.96
C LEU A 14 -0.14 1.75 -2.30
N LYS A 15 0.93 0.94 -2.33
CA LYS A 15 1.38 0.36 -3.58
C LYS A 15 1.81 -1.08 -3.44
N GLY A 16 2.32 -1.52 -2.27
CA GLY A 16 2.80 -2.89 -2.11
C GLY A 16 1.71 -3.92 -2.01
N ALA A 17 0.65 -3.63 -1.24
CA ALA A 17 -0.58 -4.40 -1.20
C ALA A 17 -1.49 -4.03 -2.36
N LEU A 18 -1.67 -2.71 -2.63
CA LEU A 18 -2.61 -2.23 -3.63
C LEU A 18 -2.37 -2.73 -5.04
N LYS A 19 -1.11 -2.91 -5.50
CA LYS A 19 -0.85 -3.48 -6.82
C LYS A 19 -1.36 -4.91 -6.99
N GLU A 20 -1.41 -5.71 -5.90
CA GLU A 20 -1.88 -7.08 -5.92
C GLU A 20 -3.37 -7.15 -6.27
N LEU A 21 -4.17 -6.27 -5.64
CA LEU A 21 -5.58 -6.09 -5.96
C LEU A 21 -5.78 -5.42 -7.32
N ALA A 22 -5.09 -4.29 -7.58
CA ALA A 22 -5.26 -3.50 -8.78
C ALA A 22 -4.89 -4.24 -10.04
N SER A 23 -3.77 -4.98 -10.04
CA SER A 23 -3.27 -5.66 -11.22
C SER A 23 -3.79 -7.08 -11.34
N THR A 24 -4.85 -7.43 -10.59
CA THR A 24 -5.72 -8.55 -10.96
C THR A 24 -7.13 -8.07 -11.24
N TYR A 25 -7.37 -6.74 -11.22
CA TYR A 25 -8.65 -6.14 -11.48
C TYR A 25 -8.57 -5.41 -12.82
N ALA A 26 -7.78 -4.31 -12.88
CA ALA A 26 -7.57 -3.53 -14.08
C ALA A 26 -6.31 -4.00 -14.80
N ASN A 27 -5.57 -4.94 -14.19
CA ASN A 27 -4.44 -5.64 -14.78
C ASN A 27 -3.28 -4.73 -15.17
N GLY A 1 6.62 7.53 14.44
CA GLY A 1 5.53 7.38 15.39
C GLY A 1 4.24 7.24 14.63
N ILE A 2 3.44 8.32 14.52
CA ILE A 2 2.35 8.36 13.56
C ILE A 2 2.91 8.72 12.20
N GLY A 3 4.13 9.32 12.18
CA GLY A 3 5.08 9.28 11.06
C GLY A 3 5.28 7.89 10.50
N THR A 4 5.56 6.89 11.37
CA THR A 4 5.68 5.48 10.99
C THR A 4 4.40 4.94 10.39
N LYS A 5 3.22 5.29 10.98
CA LYS A 5 1.91 4.95 10.44
C LYS A 5 1.68 5.48 9.03
N ILE A 6 2.04 6.75 8.74
CA ILE A 6 1.68 7.37 7.48
C ILE A 6 2.76 7.25 6.42
N LEU A 7 3.95 6.74 6.79
CA LEU A 7 5.02 6.39 5.88
C LEU A 7 5.08 4.88 5.73
N GLY A 8 5.68 4.18 6.72
CA GLY A 8 5.99 2.75 6.64
C GLY A 8 4.81 1.83 6.84
N GLY A 9 3.66 2.37 7.23
CA GLY A 9 2.38 1.66 7.25
C GLY A 9 1.61 1.91 5.99
N VAL A 10 0.89 3.06 5.91
CA VAL A 10 -0.03 3.37 4.83
C VAL A 10 0.60 3.44 3.44
N LYS A 11 1.77 4.10 3.30
CA LYS A 11 2.38 4.23 1.98
C LYS A 11 3.16 2.99 1.57
N THR A 12 3.58 2.15 2.55
CA THR A 12 3.97 0.75 2.29
C THR A 12 2.79 -0.07 1.81
N ALA A 13 1.62 0.03 2.46
CA ALA A 13 0.43 -0.72 2.11
C ALA A 13 -0.11 -0.45 0.71
N LEU A 14 -0.21 0.83 0.29
CA LEU A 14 -0.63 1.15 -1.07
C LEU A 14 0.32 0.62 -2.14
N LYS A 15 1.64 0.69 -1.89
CA LYS A 15 2.65 0.30 -2.86
C LYS A 15 3.06 -1.17 -2.67
N GLY A 16 2.47 -1.87 -1.68
CA GLY A 16 2.79 -3.25 -1.34
C GLY A 16 1.64 -4.21 -1.47
N ALA A 17 0.39 -3.75 -1.28
CA ALA A 17 -0.77 -4.62 -1.28
C ALA A 17 -1.87 -4.13 -2.19
N LEU A 18 -2.05 -2.80 -2.37
CA LEU A 18 -3.05 -2.29 -3.30
C LEU A 18 -2.59 -2.46 -4.74
N LYS A 19 -1.26 -2.64 -4.96
CA LYS A 19 -0.72 -3.08 -6.24
C LYS A 19 -1.23 -4.46 -6.65
N GLU A 20 -1.44 -5.38 -5.67
CA GLU A 20 -1.98 -6.72 -5.88
C GLU A 20 -3.43 -6.65 -6.34
N LEU A 21 -4.23 -5.79 -5.66
CA LEU A 21 -5.61 -5.51 -6.00
C LEU A 21 -5.74 -4.87 -7.37
N ALA A 22 -4.91 -3.86 -7.68
CA ALA A 22 -4.84 -3.22 -8.98
C ALA A 22 -4.42 -4.19 -10.09
N SER A 23 -3.44 -5.07 -9.82
CA SER A 23 -2.99 -6.11 -10.74
C SER A 23 -4.07 -7.10 -11.13
N THR A 24 -4.99 -7.45 -10.21
CA THR A 24 -6.09 -8.36 -10.54
C THR A 24 -7.35 -7.61 -10.95
N TYR A 25 -7.30 -6.27 -11.02
CA TYR A 25 -8.33 -5.46 -11.66
C TYR A 25 -7.94 -5.23 -13.12
N ALA A 26 -6.70 -4.73 -13.35
CA ALA A 26 -6.14 -4.50 -14.67
C ALA A 26 -5.87 -5.78 -15.46
N ASN A 27 -5.36 -6.84 -14.79
CA ASN A 27 -5.17 -8.16 -15.36
C ASN A 27 -4.25 -8.24 -16.58
N GLY A 1 7.28 7.99 14.90
CA GLY A 1 6.21 7.96 15.87
C GLY A 1 4.99 7.33 15.27
N ILE A 2 3.95 8.14 14.98
CA ILE A 2 2.80 7.70 14.20
C ILE A 2 2.95 8.17 12.77
N GLY A 3 4.06 8.87 12.47
CA GLY A 3 4.67 8.97 11.15
C GLY A 3 5.04 7.62 10.58
N THR A 4 5.34 6.65 11.47
CA THR A 4 5.53 5.23 11.18
C THR A 4 4.31 4.61 10.51
N LYS A 5 3.08 5.02 10.90
CA LYS A 5 1.85 4.56 10.27
C LYS A 5 1.77 4.95 8.79
N ILE A 6 2.16 6.19 8.41
CA ILE A 6 2.15 6.61 7.02
C ILE A 6 3.38 6.11 6.26
N LEU A 7 4.60 6.27 6.80
CA LEU A 7 5.83 5.92 6.11
C LEU A 7 6.13 4.44 6.08
N GLY A 8 5.55 3.67 7.03
CA GLY A 8 5.65 2.22 7.10
C GLY A 8 4.41 1.59 6.54
N GLY A 9 3.35 1.48 7.35
CA GLY A 9 2.11 0.77 7.03
C GLY A 9 1.39 1.20 5.78
N VAL A 10 0.97 2.48 5.69
CA VAL A 10 0.22 3.01 4.55
C VAL A 10 1.04 3.01 3.28
N LYS A 11 2.35 3.35 3.35
CA LYS A 11 3.30 3.23 2.25
C LYS A 11 3.38 1.82 1.67
N THR A 12 3.46 0.81 2.56
CA THR A 12 3.47 -0.61 2.18
C THR A 12 2.14 -1.03 1.58
N ALA A 13 1.02 -0.59 2.17
CA ALA A 13 -0.30 -0.84 1.62
C ALA A 13 -0.54 -0.19 0.25
N LEU A 14 -0.23 1.10 0.08
CA LEU A 14 -0.53 1.85 -1.12
C LEU A 14 0.20 1.39 -2.37
N LYS A 15 1.47 0.95 -2.25
CA LYS A 15 2.23 0.50 -3.40
C LYS A 15 2.49 -1.00 -3.42
N GLY A 16 2.05 -1.72 -2.37
CA GLY A 16 2.09 -3.17 -2.31
C GLY A 16 0.72 -3.75 -2.46
N ALA A 17 -0.07 -3.75 -1.38
CA ALA A 17 -1.39 -4.35 -1.33
C ALA A 17 -2.41 -3.76 -2.31
N LEU A 18 -2.49 -2.42 -2.41
CA LEU A 18 -3.33 -1.73 -3.37
C LEU A 18 -2.85 -1.95 -4.81
N LYS A 19 -1.53 -2.05 -5.04
CA LYS A 19 -1.00 -2.44 -6.34
C LYS A 19 -1.49 -3.83 -6.72
N GLU A 20 -1.38 -4.80 -5.80
CA GLU A 20 -1.79 -6.17 -6.02
C GLU A 20 -3.29 -6.32 -6.21
N LEU A 21 -4.12 -5.63 -5.39
CA LEU A 21 -5.56 -5.58 -5.54
C LEU A 21 -6.01 -4.96 -6.87
N ALA A 22 -5.46 -3.80 -7.25
CA ALA A 22 -5.77 -3.18 -8.53
C ALA A 22 -5.28 -4.00 -9.72
N SER A 23 -4.05 -4.53 -9.65
CA SER A 23 -3.42 -5.35 -10.67
C SER A 23 -4.09 -6.71 -10.86
N THR A 24 -4.58 -7.35 -9.78
CA THR A 24 -5.26 -8.63 -9.91
C THR A 24 -6.64 -8.49 -10.55
N TYR A 25 -7.25 -7.28 -10.48
CA TYR A 25 -8.48 -6.94 -11.15
C TYR A 25 -8.24 -6.43 -12.58
N ALA A 26 -7.42 -5.37 -12.73
CA ALA A 26 -7.33 -4.58 -13.96
C ALA A 26 -5.98 -4.72 -14.65
N ASN A 27 -5.19 -5.74 -14.29
CA ASN A 27 -3.91 -6.06 -14.89
C ASN A 27 -2.85 -4.99 -14.65
N GLY A 1 8.03 9.25 15.32
CA GLY A 1 6.91 8.83 16.12
C GLY A 1 5.85 8.21 15.25
N ILE A 2 4.84 8.99 14.85
CA ILE A 2 3.70 8.48 14.09
C ILE A 2 3.97 8.56 12.59
N GLY A 3 5.26 8.75 12.21
CA GLY A 3 5.76 8.61 10.85
C GLY A 3 5.62 7.19 10.33
N THR A 4 5.53 6.22 11.25
CA THR A 4 5.23 4.81 11.01
C THR A 4 3.90 4.60 10.32
N LYS A 5 2.84 5.33 10.73
CA LYS A 5 1.51 5.29 10.14
C LYS A 5 1.50 5.69 8.67
N ILE A 6 2.21 6.77 8.30
CA ILE A 6 2.24 7.25 6.93
C ILE A 6 3.24 6.46 6.07
N LEU A 7 4.47 6.20 6.55
CA LEU A 7 5.47 5.54 5.75
C LEU A 7 5.38 4.02 5.79
N GLY A 8 5.36 3.42 7.00
CA GLY A 8 5.37 1.96 7.15
C GLY A 8 4.01 1.33 7.01
N GLY A 9 2.95 2.16 7.11
CA GLY A 9 1.57 1.74 6.89
C GLY A 9 1.11 2.08 5.50
N VAL A 10 0.70 3.34 5.27
CA VAL A 10 0.08 3.76 4.01
C VAL A 10 0.96 3.58 2.78
N LYS A 11 2.24 3.99 2.83
CA LYS A 11 3.17 3.79 1.73
C LYS A 11 3.50 2.31 1.47
N THR A 12 3.62 1.48 2.52
CA THR A 12 3.70 0.02 2.38
C THR A 12 2.46 -0.57 1.73
N ALA A 13 1.25 -0.14 2.15
CA ALA A 13 -0.02 -0.61 1.64
C ALA A 13 -0.26 -0.31 0.16
N LEU A 14 0.03 0.92 -0.32
CA LEU A 14 -0.05 1.24 -1.74
C LEU A 14 0.95 0.46 -2.58
N LYS A 15 2.15 0.18 -2.02
CA LYS A 15 3.21 -0.55 -2.67
C LYS A 15 3.08 -2.05 -2.37
N GLY A 16 1.92 -2.50 -1.85
CA GLY A 16 1.66 -3.89 -1.52
C GLY A 16 0.30 -4.33 -1.98
N ALA A 17 -0.72 -4.00 -1.17
CA ALA A 17 -2.11 -4.37 -1.34
C ALA A 17 -2.77 -3.82 -2.59
N LEU A 18 -2.53 -2.54 -2.95
CA LEU A 18 -3.04 -1.95 -4.18
C LEU A 18 -2.45 -2.62 -5.42
N LYS A 19 -1.16 -2.98 -5.39
CA LYS A 19 -0.54 -3.82 -6.40
C LYS A 19 -1.16 -5.21 -6.48
N GLU A 20 -1.48 -5.84 -5.32
CA GLU A 20 -2.16 -7.12 -5.30
C GLU A 20 -3.59 -7.08 -5.86
N LEU A 21 -4.41 -6.14 -5.36
CA LEU A 21 -5.83 -6.13 -5.63
C LEU A 21 -6.17 -5.31 -6.85
N ALA A 22 -5.89 -4.00 -6.85
CA ALA A 22 -6.28 -3.10 -7.94
C ALA A 22 -5.54 -3.41 -9.24
N SER A 23 -4.22 -3.66 -9.17
CA SER A 23 -3.43 -3.91 -10.37
C SER A 23 -3.69 -5.29 -10.97
N THR A 24 -4.27 -6.24 -10.22
CA THR A 24 -4.69 -7.54 -10.78
C THR A 24 -6.20 -7.65 -10.86
N TYR A 25 -6.91 -6.52 -10.68
CA TYR A 25 -8.23 -6.30 -11.21
C TYR A 25 -8.08 -5.76 -12.62
N ALA A 26 -7.23 -4.73 -12.80
CA ALA A 26 -6.87 -4.18 -14.10
C ALA A 26 -6.10 -5.13 -15.00
N ASN A 27 -5.08 -5.84 -14.46
CA ASN A 27 -4.28 -6.84 -15.16
C ASN A 27 -3.52 -6.31 -16.37
N GLY A 1 7.20 7.73 14.54
CA GLY A 1 6.20 7.99 15.55
C GLY A 1 4.83 7.70 15.00
N ILE A 2 4.09 8.74 14.59
CA ILE A 2 2.85 8.60 13.84
C ILE A 2 3.21 8.76 12.36
N GLY A 3 4.46 9.19 12.08
CA GLY A 3 5.14 9.02 10.80
C GLY A 3 5.23 7.55 10.39
N THR A 4 5.28 6.64 11.38
CA THR A 4 5.19 5.19 11.20
C THR A 4 3.91 4.76 10.50
N LYS A 5 2.77 5.41 10.82
CA LYS A 5 1.47 5.14 10.22
C LYS A 5 1.46 5.37 8.71
N ILE A 6 2.11 6.44 8.21
CA ILE A 6 2.23 6.70 6.79
C ILE A 6 3.42 5.95 6.17
N LEU A 7 4.64 6.07 6.73
CA LEU A 7 5.85 5.49 6.16
C LEU A 7 5.96 3.98 6.29
N GLY A 8 5.59 3.41 7.45
CA GLY A 8 5.64 1.97 7.68
C GLY A 8 4.37 1.28 7.26
N GLY A 9 3.22 1.96 7.44
CA GLY A 9 1.90 1.41 7.16
C GLY A 9 1.43 1.69 5.77
N VAL A 10 0.86 2.88 5.52
CA VAL A 10 0.15 3.24 4.29
C VAL A 10 1.00 3.10 3.03
N LYS A 11 2.28 3.53 3.07
CA LYS A 11 3.25 3.34 1.99
C LYS A 11 3.46 1.88 1.62
N THR A 12 3.55 1.00 2.63
CA THR A 12 3.69 -0.44 2.45
C THR A 12 2.42 -1.06 1.91
N ALA A 13 1.26 -0.63 2.43
CA ALA A 13 -0.06 -1.06 1.99
C ALA A 13 -0.38 -0.70 0.54
N LEU A 14 -0.11 0.55 0.10
CA LEU A 14 -0.32 0.96 -1.28
C LEU A 14 0.60 0.24 -2.26
N LYS A 15 1.89 0.07 -1.90
CA LYS A 15 2.86 -0.62 -2.74
C LYS A 15 2.67 -2.13 -2.74
N GLY A 16 1.96 -2.66 -1.73
CA GLY A 16 1.63 -4.06 -1.58
C GLY A 16 0.25 -4.36 -2.08
N ALA A 17 -0.74 -4.33 -1.16
CA ALA A 17 -2.09 -4.80 -1.41
C ALA A 17 -2.84 -4.07 -2.51
N LEU A 18 -2.82 -2.72 -2.54
CA LEU A 18 -3.51 -1.95 -3.56
C LEU A 18 -2.91 -2.17 -4.95
N LYS A 19 -1.55 -2.13 -5.03
CA LYS A 19 -0.84 -2.43 -6.25
C LYS A 19 -1.06 -3.84 -6.75
N GLU A 20 -1.09 -4.84 -5.88
CA GLU A 20 -1.33 -6.22 -6.25
C GLU A 20 -2.78 -6.52 -6.66
N LEU A 21 -3.76 -5.99 -5.92
CA LEU A 21 -5.17 -6.14 -6.25
C LEU A 21 -5.54 -5.44 -7.56
N ALA A 22 -5.21 -4.13 -7.71
CA ALA A 22 -5.58 -3.35 -8.87
C ALA A 22 -4.96 -3.86 -10.16
N SER A 23 -3.68 -4.27 -10.08
CA SER A 23 -2.87 -4.79 -11.18
C SER A 23 -3.30 -6.16 -11.66
N THR A 24 -4.19 -6.86 -10.93
CA THR A 24 -4.77 -8.12 -11.42
C THR A 24 -6.28 -8.08 -11.41
N TYR A 25 -6.87 -6.86 -11.36
CA TYR A 25 -8.30 -6.62 -11.43
C TYR A 25 -8.55 -5.74 -12.65
N ALA A 26 -8.20 -4.44 -12.57
CA ALA A 26 -8.16 -3.52 -13.69
C ALA A 26 -7.05 -3.87 -14.68
N ASN A 27 -5.90 -4.31 -14.15
CA ASN A 27 -4.73 -4.78 -14.88
C ASN A 27 -3.86 -3.63 -15.35
N GLY A 1 7.00 8.19 16.62
CA GLY A 1 6.47 6.85 16.51
C GLY A 1 5.41 6.80 15.45
N ILE A 2 4.71 7.92 15.22
CA ILE A 2 3.61 7.97 14.26
C ILE A 2 4.11 8.34 12.87
N GLY A 3 5.45 8.26 12.68
CA GLY A 3 6.07 8.21 11.35
C GLY A 3 5.74 6.93 10.66
N THR A 4 5.57 5.83 11.40
CA THR A 4 5.16 4.52 10.92
C THR A 4 3.82 4.54 10.23
N LYS A 5 2.86 5.37 10.72
CA LYS A 5 1.57 5.59 10.10
C LYS A 5 1.67 6.14 8.68
N ILE A 6 2.50 7.18 8.45
CA ILE A 6 2.55 7.86 7.15
C ILE A 6 3.66 7.32 6.26
N LEU A 7 4.66 6.63 6.84
CA LEU A 7 5.70 5.95 6.10
C LEU A 7 5.31 4.49 5.89
N GLY A 8 5.66 3.62 6.87
CA GLY A 8 5.48 2.17 6.85
C GLY A 8 4.12 1.65 6.45
N GLY A 9 3.03 2.12 7.07
CA GLY A 9 1.70 1.60 6.78
C GLY A 9 1.16 2.02 5.44
N VAL A 10 1.23 3.34 5.12
CA VAL A 10 0.79 3.90 3.85
C VAL A 10 1.56 3.34 2.66
N LYS A 11 2.90 3.19 2.75
CA LYS A 11 3.69 2.68 1.66
C LYS A 11 3.95 1.17 1.76
N THR A 12 3.32 0.50 2.74
CA THR A 12 2.95 -0.90 2.59
C THR A 12 1.69 -1.00 1.77
N ALA A 13 0.64 -0.22 2.09
CA ALA A 13 -0.64 -0.29 1.42
C ALA A 13 -0.65 0.12 -0.06
N LEU A 14 -0.11 1.31 -0.42
CA LEU A 14 -0.18 1.77 -1.82
C LEU A 14 0.82 1.06 -2.72
N LYS A 15 1.83 0.41 -2.11
CA LYS A 15 2.90 -0.28 -2.79
C LYS A 15 2.78 -1.77 -2.43
N GLY A 16 1.57 -2.24 -2.10
CA GLY A 16 1.31 -3.67 -2.00
C GLY A 16 -0.12 -4.00 -2.30
N ALA A 17 -1.09 -3.43 -1.56
CA ALA A 17 -2.50 -3.72 -1.72
C ALA A 17 -3.04 -3.28 -3.07
N LEU A 18 -2.63 -2.08 -3.53
CA LEU A 18 -2.94 -1.58 -4.86
C LEU A 18 -2.36 -2.43 -5.98
N LYS A 19 -1.12 -2.96 -5.85
CA LYS A 19 -0.61 -3.89 -6.84
C LYS A 19 -1.36 -5.22 -6.85
N GLU A 20 -1.48 -5.83 -5.65
CA GLU A 20 -1.98 -7.17 -5.48
C GLU A 20 -3.48 -7.28 -5.79
N LEU A 21 -4.29 -6.33 -5.30
CA LEU A 21 -5.72 -6.36 -5.50
C LEU A 21 -6.11 -5.52 -6.70
N ALA A 22 -5.90 -4.18 -6.66
CA ALA A 22 -6.40 -3.29 -7.70
C ALA A 22 -5.78 -3.50 -9.08
N SER A 23 -4.44 -3.68 -9.16
CA SER A 23 -3.77 -3.90 -10.43
C SER A 23 -3.98 -5.29 -10.98
N THR A 24 -4.44 -6.27 -10.16
CA THR A 24 -4.89 -7.57 -10.69
C THR A 24 -6.41 -7.66 -10.77
N TYR A 25 -7.10 -6.53 -10.52
CA TYR A 25 -8.47 -6.33 -10.95
C TYR A 25 -8.45 -5.75 -12.35
N ALA A 26 -7.63 -4.69 -12.57
CA ALA A 26 -7.38 -4.11 -13.87
C ALA A 26 -6.64 -5.04 -14.85
N ASN A 27 -5.57 -5.73 -14.37
CA ASN A 27 -4.78 -6.68 -15.14
C ASN A 27 -4.08 -6.09 -16.35
N GLY A 1 6.87 9.55 16.49
CA GLY A 1 6.88 8.16 16.10
C GLY A 1 5.61 7.73 15.45
N ILE A 2 4.55 8.57 15.58
CA ILE A 2 3.24 8.31 15.01
C ILE A 2 3.24 8.55 13.50
N GLY A 3 4.23 9.31 12.98
CA GLY A 3 4.50 9.49 11.55
C GLY A 3 4.76 8.22 10.78
N THR A 4 5.21 7.16 11.49
CA THR A 4 5.52 5.82 10.98
C THR A 4 4.35 5.13 10.32
N LYS A 5 3.10 5.64 10.50
CA LYS A 5 1.91 5.12 9.85
C LYS A 5 1.98 5.10 8.32
N ILE A 6 2.65 6.11 7.70
CA ILE A 6 2.90 6.13 6.26
C ILE A 6 3.87 5.03 5.84
N LEU A 7 4.95 4.82 6.61
CA LEU A 7 6.01 3.88 6.34
C LEU A 7 5.61 2.43 6.57
N GLY A 8 4.94 2.13 7.69
CA GLY A 8 4.51 0.77 8.04
C GLY A 8 3.26 0.36 7.33
N GLY A 9 2.29 1.29 7.23
CA GLY A 9 0.94 1.01 6.74
C GLY A 9 0.80 1.34 5.28
N VAL A 10 0.72 2.65 4.97
CA VAL A 10 0.36 3.16 3.64
C VAL A 10 1.28 2.70 2.52
N LYS A 11 2.61 2.66 2.75
CA LYS A 11 3.59 2.08 1.84
C LYS A 11 3.30 0.62 1.48
N THR A 12 2.96 -0.18 2.50
CA THR A 12 2.63 -1.59 2.37
C THR A 12 1.32 -1.79 1.64
N ALA A 13 0.30 -0.98 2.01
CA ALA A 13 -0.99 -0.94 1.38
C ALA A 13 -0.97 -0.53 -0.09
N LEU A 14 -0.22 0.53 -0.46
CA LEU A 14 -0.07 0.90 -1.86
C LEU A 14 0.67 -0.15 -2.69
N LYS A 15 1.75 -0.75 -2.13
CA LYS A 15 2.48 -1.82 -2.79
C LYS A 15 1.69 -3.10 -3.01
N GLY A 16 0.90 -3.55 -2.02
CA GLY A 16 0.21 -4.84 -2.12
C GLY A 16 -1.25 -4.74 -2.46
N ALA A 17 -2.01 -3.88 -1.76
CA ALA A 17 -3.43 -3.79 -2.00
C ALA A 17 -3.76 -2.97 -3.24
N LEU A 18 -3.16 -1.77 -3.39
CA LEU A 18 -3.49 -0.91 -4.51
C LEU A 18 -2.81 -1.36 -5.80
N LYS A 19 -1.48 -1.55 -5.80
CA LYS A 19 -0.76 -1.82 -7.04
C LYS A 19 -0.48 -3.28 -7.33
N GLU A 20 -1.06 -4.22 -6.56
CA GLU A 20 -1.08 -5.62 -6.96
C GLU A 20 -2.48 -6.18 -6.89
N LEU A 21 -3.15 -6.22 -5.72
CA LEU A 21 -4.48 -6.80 -5.62
C LEU A 21 -5.54 -6.07 -6.44
N ALA A 22 -5.71 -4.74 -6.25
CA ALA A 22 -6.63 -3.94 -7.04
C ALA A 22 -6.16 -3.76 -8.48
N SER A 23 -4.87 -3.45 -8.68
CA SER A 23 -4.34 -3.18 -10.02
C SER A 23 -4.22 -4.41 -10.89
N THR A 24 -4.25 -5.65 -10.35
CA THR A 24 -4.34 -6.85 -11.16
C THR A 24 -5.72 -7.47 -11.09
N TYR A 25 -6.69 -6.79 -10.45
CA TYR A 25 -8.10 -7.03 -10.68
C TYR A 25 -8.51 -6.23 -11.91
N ALA A 26 -8.15 -4.93 -11.95
CA ALA A 26 -8.34 -4.07 -13.10
C ALA A 26 -7.45 -4.43 -14.30
N ASN A 27 -6.15 -4.72 -14.05
CA ASN A 27 -5.14 -5.04 -15.05
C ASN A 27 -4.84 -3.87 -15.97
N GLY A 1 7.94 6.67 16.62
CA GLY A 1 7.35 5.52 15.95
C GLY A 1 6.11 5.92 15.21
N ILE A 2 5.57 7.10 15.56
CA ILE A 2 4.31 7.67 15.07
C ILE A 2 4.32 7.87 13.56
N GLY A 3 5.49 8.22 12.97
CA GLY A 3 5.70 8.42 11.55
C GLY A 3 5.38 7.22 10.69
N THR A 4 5.37 6.01 11.27
CA THR A 4 4.94 4.74 10.65
C THR A 4 3.53 4.80 10.10
N LYS A 5 2.65 5.62 10.74
CA LYS A 5 1.29 5.90 10.31
C LYS A 5 1.23 6.52 8.91
N ILE A 6 2.12 7.48 8.58
CA ILE A 6 2.09 8.18 7.30
C ILE A 6 3.16 7.68 6.34
N LEU A 7 4.16 6.95 6.85
CA LEU A 7 5.20 6.33 6.06
C LEU A 7 4.95 4.83 5.95
N GLY A 8 5.53 4.03 6.87
CA GLY A 8 5.62 2.57 6.82
C GLY A 8 4.39 1.80 6.45
N GLY A 9 3.23 2.05 7.12
CA GLY A 9 2.02 1.28 6.84
C GLY A 9 1.38 1.62 5.52
N VAL A 10 1.18 2.92 5.24
CA VAL A 10 0.57 3.41 4.02
C VAL A 10 1.41 3.10 2.77
N LYS A 11 2.75 3.24 2.88
CA LYS A 11 3.64 3.07 1.74
C LYS A 11 4.10 1.61 1.64
N THR A 12 3.59 0.74 2.54
CA THR A 12 3.53 -0.70 2.32
C THR A 12 2.22 -1.08 1.67
N ALA A 13 1.07 -0.61 2.21
CA ALA A 13 -0.25 -0.97 1.73
C ALA A 13 -0.58 -0.52 0.30
N LEU A 14 -0.32 0.76 -0.05
CA LEU A 14 -0.57 1.25 -1.41
C LEU A 14 0.39 0.62 -2.41
N LYS A 15 1.69 0.63 -2.07
CA LYS A 15 2.78 0.07 -2.84
C LYS A 15 2.95 -1.40 -2.49
N GLY A 16 1.87 -2.18 -2.66
CA GLY A 16 1.83 -3.56 -2.22
C GLY A 16 0.46 -4.13 -2.42
N ALA A 17 -0.34 -4.20 -1.34
CA ALA A 17 -1.63 -4.84 -1.34
C ALA A 17 -2.66 -4.20 -2.28
N LEU A 18 -2.82 -2.87 -2.26
CA LEU A 18 -3.74 -2.18 -3.15
C LEU A 18 -3.28 -2.25 -4.60
N LYS A 19 -1.96 -2.18 -4.86
CA LYS A 19 -1.39 -2.41 -6.18
C LYS A 19 -1.72 -3.79 -6.71
N GLU A 20 -1.57 -4.86 -5.91
CA GLU A 20 -1.87 -6.21 -6.35
C GLU A 20 -3.35 -6.48 -6.57
N LEU A 21 -4.22 -5.93 -5.69
CA LEU A 21 -5.66 -5.98 -5.91
C LEU A 21 -6.10 -5.20 -7.16
N ALA A 22 -5.66 -3.94 -7.32
CA ALA A 22 -6.01 -3.11 -8.46
C ALA A 22 -5.43 -3.61 -9.78
N SER A 23 -4.14 -4.02 -9.79
CA SER A 23 -3.44 -4.34 -11.03
C SER A 23 -3.62 -5.80 -11.39
N THR A 24 -4.44 -6.56 -10.62
CA THR A 24 -4.93 -7.85 -11.05
C THR A 24 -6.45 -7.85 -11.12
N TYR A 25 -7.07 -6.66 -11.16
CA TYR A 25 -8.49 -6.50 -11.43
C TYR A 25 -8.66 -5.64 -12.68
N ALA A 26 -7.88 -4.54 -12.79
CA ALA A 26 -7.90 -3.67 -13.95
C ALA A 26 -6.74 -3.98 -14.89
N ASN A 27 -5.97 -5.05 -14.61
CA ASN A 27 -4.93 -5.52 -15.48
C ASN A 27 -4.63 -6.97 -15.13
N GLY A 1 8.02 6.90 16.59
CA GLY A 1 7.46 5.63 16.18
C GLY A 1 6.24 5.83 15.36
N ILE A 2 5.50 6.92 15.64
CA ILE A 2 4.19 7.22 15.05
C ILE A 2 4.27 7.64 13.58
N GLY A 3 5.49 7.94 13.07
CA GLY A 3 5.72 8.23 11.66
C GLY A 3 5.63 7.01 10.77
N THR A 4 5.51 5.81 11.40
CA THR A 4 5.20 4.56 10.72
C THR A 4 3.78 4.53 10.17
N LYS A 5 2.89 5.44 10.62
CA LYS A 5 1.57 5.66 10.05
C LYS A 5 1.65 5.99 8.56
N ILE A 6 2.52 6.95 8.19
CA ILE A 6 2.71 7.33 6.79
C ILE A 6 3.82 6.53 6.13
N LEU A 7 5.01 6.42 6.74
CA LEU A 7 6.18 5.83 6.09
C LEU A 7 6.17 4.32 6.08
N GLY A 8 5.36 3.71 6.97
CA GLY A 8 5.19 2.27 7.07
C GLY A 8 3.90 1.86 6.44
N GLY A 9 2.78 1.99 7.18
CA GLY A 9 1.45 1.52 6.80
C GLY A 9 0.91 2.01 5.49
N VAL A 10 0.74 3.34 5.33
CA VAL A 10 0.19 3.94 4.11
C VAL A 10 1.07 3.68 2.89
N LYS A 11 2.40 3.83 3.03
CA LYS A 11 3.39 3.54 2.01
C LYS A 11 3.31 2.09 1.52
N THR A 12 3.23 1.13 2.47
CA THR A 12 3.12 -0.30 2.17
C THR A 12 1.79 -0.65 1.56
N ALA A 13 0.66 -0.14 2.09
CA ALA A 13 -0.63 -0.44 1.55
C ALA A 13 -0.87 0.13 0.15
N LEU A 14 -0.67 1.44 -0.05
CA LEU A 14 -0.98 2.09 -1.31
C LEU A 14 -0.11 1.66 -2.47
N LYS A 15 1.21 1.48 -2.26
CA LYS A 15 2.07 1.07 -3.35
C LYS A 15 2.40 -0.40 -3.36
N GLY A 16 2.13 -1.15 -2.28
CA GLY A 16 2.51 -2.55 -2.15
C GLY A 16 1.38 -3.53 -2.05
N ALA A 17 0.16 -3.13 -1.64
CA ALA A 17 -0.99 -4.03 -1.53
C ALA A 17 -2.05 -3.78 -2.60
N LEU A 18 -1.93 -2.64 -3.32
CA LEU A 18 -2.77 -2.37 -4.48
C LEU A 18 -2.09 -2.91 -5.72
N LYS A 19 -0.90 -3.51 -5.54
CA LYS A 19 -0.14 -4.28 -6.51
C LYS A 19 -0.92 -5.50 -7.00
N GLU A 20 -1.52 -6.26 -6.10
CA GLU A 20 -2.47 -7.31 -6.43
C GLU A 20 -3.87 -6.78 -6.53
N LEU A 21 -4.35 -6.02 -5.52
CA LEU A 21 -5.76 -5.68 -5.38
C LEU A 21 -6.31 -4.79 -6.48
N ALA A 22 -5.65 -3.65 -6.77
CA ALA A 22 -6.11 -2.75 -7.81
C ALA A 22 -5.53 -3.14 -9.16
N SER A 23 -4.20 -3.39 -9.21
CA SER A 23 -3.51 -3.58 -10.47
C SER A 23 -3.79 -4.92 -11.13
N THR A 24 -4.32 -5.92 -10.41
CA THR A 24 -4.79 -7.16 -11.04
C THR A 24 -6.31 -7.26 -11.00
N TYR A 25 -7.00 -6.16 -10.64
CA TYR A 25 -8.37 -5.94 -11.05
C TYR A 25 -8.36 -5.33 -12.45
N ALA A 26 -7.53 -4.27 -12.65
CA ALA A 26 -7.30 -3.67 -13.95
C ALA A 26 -6.54 -4.57 -14.93
N ASN A 27 -5.46 -5.25 -14.47
CA ASN A 27 -4.64 -6.15 -15.27
C ASN A 27 -3.92 -5.46 -16.41
N GLY A 1 8.63 6.70 15.82
CA GLY A 1 7.99 5.45 15.47
C GLY A 1 6.59 5.69 15.00
N ILE A 2 5.94 6.71 15.58
CA ILE A 2 4.54 7.06 15.37
C ILE A 2 4.25 7.59 13.97
N GLY A 3 5.30 8.04 13.24
CA GLY A 3 5.21 8.45 11.85
C GLY A 3 5.15 7.30 10.87
N THR A 4 5.32 6.03 11.31
CA THR A 4 5.19 4.84 10.46
C THR A 4 3.76 4.63 10.00
N LYS A 5 2.82 5.25 10.74
CA LYS A 5 1.42 5.40 10.49
C LYS A 5 1.10 6.06 9.16
N ILE A 6 1.81 7.15 8.79
CA ILE A 6 1.61 7.81 7.50
C ILE A 6 2.73 7.46 6.52
N LEU A 7 3.83 6.85 6.99
CA LEU A 7 4.89 6.34 6.15
C LEU A 7 4.69 4.85 5.88
N GLY A 8 5.40 3.97 6.63
CA GLY A 8 5.51 2.52 6.41
C GLY A 8 4.27 1.75 6.08
N GLY A 9 3.17 1.93 6.87
CA GLY A 9 1.95 1.16 6.66
C GLY A 9 1.16 1.57 5.46
N VAL A 10 0.90 2.88 5.28
CA VAL A 10 0.19 3.42 4.12
C VAL A 10 0.98 3.19 2.83
N LYS A 11 2.32 3.34 2.90
CA LYS A 11 3.20 3.19 1.75
C LYS A 11 3.65 1.74 1.63
N THR A 12 2.87 0.80 2.20
CA THR A 12 2.95 -0.64 1.93
C THR A 12 1.57 -1.17 1.64
N ALA A 13 0.49 -0.52 2.12
CA ALA A 13 -0.83 -0.75 1.58
C ALA A 13 -0.96 -0.35 0.10
N LEU A 14 -0.53 0.87 -0.28
CA LEU A 14 -0.51 1.27 -1.70
C LEU A 14 0.58 0.56 -2.50
N LYS A 15 1.80 0.47 -1.93
CA LYS A 15 2.95 -0.19 -2.54
C LYS A 15 2.98 -1.60 -2.00
N GLY A 16 2.06 -2.43 -2.50
CA GLY A 16 1.82 -3.76 -2.00
C GLY A 16 0.41 -4.16 -2.31
N ALA A 17 -0.50 -4.07 -1.32
CA ALA A 17 -1.84 -4.63 -1.40
C ALA A 17 -2.72 -4.07 -2.53
N LEU A 18 -2.78 -2.74 -2.71
CA LEU A 18 -3.53 -2.12 -3.78
C LEU A 18 -3.00 -2.47 -5.16
N LYS A 19 -1.66 -2.58 -5.33
CA LYS A 19 -1.07 -2.88 -6.61
C LYS A 19 -0.92 -4.37 -6.84
N GLU A 20 -1.51 -5.20 -5.95
CA GLU A 20 -1.92 -6.54 -6.31
C GLU A 20 -3.41 -6.52 -6.65
N LEU A 21 -4.27 -6.10 -5.69
CA LEU A 21 -5.73 -6.20 -5.79
C LEU A 21 -6.35 -5.45 -6.95
N ALA A 22 -5.97 -4.18 -7.17
CA ALA A 22 -6.42 -3.43 -8.33
C ALA A 22 -5.78 -3.96 -9.62
N SER A 23 -4.50 -4.34 -9.54
CA SER A 23 -3.73 -4.83 -10.69
C SER A 23 -4.20 -6.15 -11.24
N THR A 24 -4.57 -7.10 -10.37
CA THR A 24 -5.02 -8.43 -10.74
C THR A 24 -6.43 -8.41 -11.31
N TYR A 25 -7.16 -7.29 -11.13
CA TYR A 25 -8.43 -7.02 -11.77
C TYR A 25 -8.24 -6.23 -13.06
N ALA A 26 -7.64 -5.02 -12.98
CA ALA A 26 -7.73 -4.05 -14.07
C ALA A 26 -6.38 -3.63 -14.66
N ASN A 27 -5.27 -4.29 -14.30
CA ASN A 27 -3.99 -3.87 -14.84
C ASN A 27 -3.02 -5.04 -14.87
N GLY A 1 6.85 5.85 16.35
CA GLY A 1 5.63 5.15 16.02
C GLY A 1 4.71 6.02 15.22
N ILE A 2 4.97 7.35 15.27
CA ILE A 2 4.21 8.37 14.57
C ILE A 2 4.27 8.23 13.05
N GLY A 3 5.43 7.79 12.51
CA GLY A 3 5.63 7.61 11.08
C GLY A 3 4.96 6.37 10.52
N THR A 4 4.37 5.53 11.38
CA THR A 4 3.58 4.36 10.99
C THR A 4 2.37 4.74 10.16
N LYS A 5 1.75 5.92 10.41
CA LYS A 5 0.58 6.37 9.67
C LYS A 5 0.95 7.07 8.35
N ILE A 6 2.18 6.86 7.85
CA ILE A 6 2.59 7.29 6.53
C ILE A 6 3.60 6.31 5.94
N LEU A 7 4.81 6.18 6.51
CA LEU A 7 5.88 5.37 5.96
C LEU A 7 5.76 3.90 6.31
N GLY A 8 4.91 3.56 7.29
CA GLY A 8 4.60 2.18 7.67
C GLY A 8 3.43 1.65 6.91
N GLY A 9 2.20 1.89 7.43
CA GLY A 9 0.98 1.27 6.92
C GLY A 9 0.49 1.81 5.61
N VAL A 10 0.51 3.15 5.41
CA VAL A 10 0.06 3.77 4.17
C VAL A 10 0.95 3.40 2.99
N LYS A 11 2.28 3.39 3.18
CA LYS A 11 3.26 2.90 2.22
C LYS A 11 3.00 1.44 1.82
N THR A 12 2.69 0.58 2.81
CA THR A 12 2.34 -0.82 2.60
C THR A 12 1.03 -0.99 1.86
N ALA A 13 0.00 -0.19 2.21
CA ALA A 13 -1.26 -0.16 1.51
C ALA A 13 -1.16 0.33 0.07
N LEU A 14 -0.44 1.44 -0.19
CA LEU A 14 -0.23 1.97 -1.52
C LEU A 14 0.56 1.04 -2.43
N LYS A 15 1.67 0.44 -1.94
CA LYS A 15 2.52 -0.40 -2.75
C LYS A 15 2.22 -1.88 -2.56
N GLY A 16 1.06 -2.23 -1.97
CA GLY A 16 0.64 -3.63 -1.85
C GLY A 16 -0.80 -3.80 -2.21
N ALA A 17 -1.72 -3.13 -1.49
CA ALA A 17 -3.14 -3.24 -1.76
C ALA A 17 -3.58 -2.46 -3.00
N LEU A 18 -3.16 -1.19 -3.13
CA LEU A 18 -3.61 -0.36 -4.24
C LEU A 18 -2.82 -0.66 -5.50
N LYS A 19 -1.48 -0.52 -5.48
CA LYS A 19 -0.69 -0.76 -6.68
C LYS A 19 -0.66 -2.21 -7.11
N GLU A 20 -0.56 -3.18 -6.18
CA GLU A 20 -0.44 -4.58 -6.57
C GLU A 20 -1.77 -5.31 -6.60
N LEU A 21 -2.50 -5.39 -5.48
CA LEU A 21 -3.73 -6.19 -5.39
C LEU A 21 -4.84 -5.71 -6.32
N ALA A 22 -5.18 -4.41 -6.33
CA ALA A 22 -6.19 -3.88 -7.25
C ALA A 22 -5.79 -4.02 -8.73
N SER A 23 -4.52 -3.71 -9.06
CA SER A 23 -3.97 -3.86 -10.41
C SER A 23 -3.94 -5.30 -10.90
N THR A 24 -3.56 -6.27 -10.04
CA THR A 24 -3.52 -7.68 -10.40
C THR A 24 -4.88 -8.33 -10.36
N TYR A 25 -5.86 -7.78 -9.64
CA TYR A 25 -7.26 -8.16 -9.76
C TYR A 25 -7.85 -7.70 -11.09
N ALA A 26 -7.70 -6.41 -11.44
CA ALA A 26 -8.19 -5.84 -12.68
C ALA A 26 -7.51 -6.39 -13.93
N ASN A 27 -6.16 -6.50 -13.90
CA ASN A 27 -5.40 -7.05 -14.99
C ASN A 27 -4.70 -8.32 -14.51
N GLY A 1 8.69 7.79 16.49
CA GLY A 1 8.50 6.62 15.65
C GLY A 1 7.12 6.61 15.07
N ILE A 2 6.22 7.43 15.64
CA ILE A 2 4.79 7.49 15.34
C ILE A 2 4.47 7.83 13.89
N GLY A 3 5.30 8.69 13.23
CA GLY A 3 5.16 9.07 11.83
C GLY A 3 5.26 7.93 10.86
N THR A 4 5.86 6.80 11.29
CA THR A 4 5.92 5.54 10.56
C THR A 4 4.54 5.03 10.21
N LYS A 5 3.51 5.29 11.04
CA LYS A 5 2.15 4.85 10.79
C LYS A 5 1.57 5.40 9.47
N ILE A 6 1.80 6.69 9.17
CA ILE A 6 1.26 7.36 8.00
C ILE A 6 2.27 7.38 6.85
N LEU A 7 3.48 6.85 7.07
CA LEU A 7 4.51 6.67 6.05
C LEU A 7 4.71 5.19 5.77
N GLY A 8 5.52 4.48 6.58
CA GLY A 8 5.90 3.09 6.37
C GLY A 8 4.81 2.08 6.64
N GLY A 9 3.66 2.55 7.18
CA GLY A 9 2.41 1.81 7.22
C GLY A 9 1.58 2.10 6.00
N VAL A 10 0.83 3.23 6.00
CA VAL A 10 -0.15 3.54 4.95
C VAL A 10 0.42 3.66 3.54
N LYS A 11 1.57 4.35 3.34
CA LYS A 11 2.12 4.55 2.01
C LYS A 11 2.85 3.30 1.52
N THR A 12 3.35 2.45 2.45
CA THR A 12 3.76 1.09 2.14
C THR A 12 2.60 0.24 1.67
N ALA A 13 1.46 0.29 2.41
CA ALA A 13 0.24 -0.46 2.19
C ALA A 13 -0.52 -0.15 0.91
N LEU A 14 -0.72 1.13 0.52
CA LEU A 14 -1.36 1.46 -0.75
C LEU A 14 -0.57 0.96 -1.95
N LYS A 15 0.76 0.98 -1.83
CA LYS A 15 1.70 0.46 -2.80
C LYS A 15 2.01 -1.01 -2.48
N GLY A 16 1.27 -1.62 -1.53
CA GLY A 16 1.52 -2.97 -1.03
C GLY A 16 0.39 -3.92 -1.23
N ALA A 17 -0.87 -3.43 -1.33
CA ALA A 17 -2.05 -4.25 -1.48
C ALA A 17 -2.71 -4.07 -2.84
N LEU A 18 -2.23 -3.13 -3.67
CA LEU A 18 -2.82 -2.89 -4.97
C LEU A 18 -2.05 -3.62 -6.06
N LYS A 19 -0.92 -4.28 -5.72
CA LYS A 19 -0.18 -5.08 -6.69
C LYS A 19 -0.84 -6.45 -6.91
N GLU A 20 -1.73 -6.89 -5.99
CA GLU A 20 -2.77 -7.83 -6.34
C GLU A 20 -4.07 -7.11 -6.68
N LEU A 21 -4.65 -6.27 -5.79
CA LEU A 21 -6.04 -5.84 -5.91
C LEU A 21 -6.36 -5.01 -7.15
N ALA A 22 -5.60 -3.93 -7.42
CA ALA A 22 -5.81 -3.14 -8.61
C ALA A 22 -5.25 -3.84 -9.84
N SER A 23 -4.04 -4.43 -9.71
CA SER A 23 -3.34 -5.08 -10.82
C SER A 23 -4.05 -6.29 -11.40
N THR A 24 -4.75 -7.09 -10.58
CA THR A 24 -5.47 -8.28 -11.08
C THR A 24 -6.71 -7.93 -11.86
N TYR A 25 -7.26 -6.70 -11.67
CA TYR A 25 -8.35 -6.18 -12.47
C TYR A 25 -7.78 -5.49 -13.70
N ALA A 26 -6.86 -4.52 -13.50
CA ALA A 26 -6.28 -3.69 -14.54
C ALA A 26 -5.46 -4.46 -15.58
N ASN A 27 -4.67 -5.48 -15.15
CA ASN A 27 -3.86 -6.31 -16.01
C ASN A 27 -2.82 -5.56 -16.82
N GLY A 1 9.24 8.23 16.21
CA GLY A 1 9.07 6.82 15.88
C GLY A 1 7.74 6.59 15.23
N ILE A 2 6.78 7.50 15.48
CA ILE A 2 5.38 7.31 15.13
C ILE A 2 5.06 7.85 13.74
N GLY A 3 6.09 8.31 13.01
CA GLY A 3 6.01 8.62 11.57
C GLY A 3 5.96 7.37 10.73
N THR A 4 6.22 6.21 11.37
CA THR A 4 5.97 4.87 10.85
C THR A 4 4.51 4.68 10.50
N LYS A 5 3.58 5.21 11.30
CA LYS A 5 2.14 5.09 11.08
C LYS A 5 1.69 5.61 9.73
N ILE A 6 2.16 6.81 9.32
CA ILE A 6 1.85 7.38 8.02
C ILE A 6 2.73 6.82 6.90
N LEU A 7 4.07 6.66 7.10
CA LEU A 7 4.95 6.25 6.02
C LEU A 7 5.05 4.73 5.87
N GLY A 8 5.44 4.02 6.94
CA GLY A 8 5.68 2.58 6.91
C GLY A 8 4.43 1.77 7.03
N GLY A 9 3.31 2.40 7.41
CA GLY A 9 1.99 1.82 7.46
C GLY A 9 1.23 2.15 6.21
N VAL A 10 0.60 3.35 6.13
CA VAL A 10 -0.30 3.70 5.05
C VAL A 10 0.32 3.69 3.66
N LYS A 11 1.51 4.30 3.48
CA LYS A 11 2.19 4.32 2.19
C LYS A 11 2.74 2.95 1.77
N THR A 12 3.22 2.13 2.72
CA THR A 12 3.51 0.71 2.47
C THR A 12 2.27 -0.07 2.08
N ALA A 13 1.14 0.11 2.80
CA ALA A 13 -0.11 -0.58 2.60
C ALA A 13 -0.75 -0.33 1.25
N LEU A 14 -0.81 0.94 0.77
CA LEU A 14 -1.30 1.22 -0.57
C LEU A 14 -0.43 0.59 -1.65
N LYS A 15 0.89 0.53 -1.43
CA LYS A 15 1.86 -0.05 -2.34
C LYS A 15 2.01 -1.55 -2.09
N GLY A 16 1.18 -2.13 -1.19
CA GLY A 16 1.09 -3.56 -0.92
C GLY A 16 -0.26 -4.11 -1.31
N ALA A 17 -1.29 -3.27 -1.38
CA ALA A 17 -2.60 -3.60 -1.86
C ALA A 17 -2.75 -3.37 -3.35
N LEU A 18 -2.44 -2.15 -3.86
CA LEU A 18 -2.82 -1.72 -5.20
C LEU A 18 -2.06 -2.41 -6.31
N LYS A 19 -0.91 -3.06 -5.99
CA LYS A 19 -0.13 -3.87 -6.92
C LYS A 19 -0.86 -5.11 -7.40
N GLU A 20 -1.99 -5.44 -6.73
CA GLU A 20 -2.82 -6.55 -7.12
C GLU A 20 -4.29 -6.16 -7.08
N LEU A 21 -4.71 -5.24 -6.19
CA LEU A 21 -6.10 -4.81 -6.11
C LEU A 21 -6.56 -4.15 -7.40
N ALA A 22 -5.75 -3.24 -7.97
CA ALA A 22 -6.00 -2.75 -9.31
C ALA A 22 -5.54 -3.74 -10.38
N SER A 23 -4.32 -4.28 -10.26
CA SER A 23 -3.69 -5.03 -11.34
C SER A 23 -4.20 -6.44 -11.57
N THR A 24 -4.91 -7.08 -10.61
CA THR A 24 -5.51 -8.39 -10.85
C THR A 24 -6.82 -8.28 -11.60
N TYR A 25 -7.40 -7.07 -11.64
CA TYR A 25 -8.59 -6.73 -12.41
C TYR A 25 -8.18 -6.11 -13.74
N ALA A 26 -7.39 -5.01 -13.69
CA ALA A 26 -7.09 -4.19 -14.85
C ALA A 26 -5.79 -4.59 -15.53
N ASN A 27 -5.22 -5.77 -15.17
CA ASN A 27 -4.02 -6.33 -15.78
C ASN A 27 -2.81 -5.42 -15.61
N GLY A 1 5.77 8.44 17.41
CA GLY A 1 6.16 8.08 16.06
C GLY A 1 4.97 7.70 15.25
N ILE A 2 3.99 8.61 15.11
CA ILE A 2 2.76 8.40 14.37
C ILE A 2 3.02 8.56 12.87
N GLY A 3 4.18 9.16 12.53
CA GLY A 3 4.78 9.20 11.20
C GLY A 3 4.98 7.85 10.58
N THR A 4 5.10 6.78 11.39
CA THR A 4 5.11 5.39 10.94
C THR A 4 3.87 5.02 10.14
N LYS A 5 2.68 5.50 10.54
CA LYS A 5 1.42 5.24 9.86
C LYS A 5 1.41 5.76 8.42
N ILE A 6 1.99 6.95 8.17
CA ILE A 6 2.00 7.57 6.84
C ILE A 6 3.24 7.18 6.05
N LEU A 7 4.22 6.52 6.70
CA LEU A 7 5.37 5.93 6.04
C LEU A 7 5.17 4.43 5.86
N GLY A 8 5.58 3.60 6.85
CA GLY A 8 5.62 2.15 6.75
C GLY A 8 4.28 1.45 6.85
N GLY A 9 3.21 2.22 7.14
CA GLY A 9 1.84 1.77 6.95
C GLY A 9 1.38 2.03 5.54
N VAL A 10 1.07 3.30 5.22
CA VAL A 10 0.50 3.72 3.94
C VAL A 10 1.34 3.37 2.72
N LYS A 11 2.69 3.56 2.72
CA LYS A 11 3.51 3.21 1.56
C LYS A 11 3.57 1.71 1.33
N THR A 12 3.67 0.92 2.41
CA THR A 12 3.61 -0.54 2.37
C THR A 12 2.29 -1.04 1.85
N ALA A 13 1.16 -0.44 2.32
CA ALA A 13 -0.16 -0.75 1.82
C ALA A 13 -0.36 -0.38 0.35
N LEU A 14 0.03 0.84 -0.08
CA LEU A 14 -0.14 1.27 -1.47
C LEU A 14 0.71 0.50 -2.45
N LYS A 15 1.98 0.19 -2.09
CA LYS A 15 2.94 -0.47 -2.96
C LYS A 15 2.87 -1.99 -2.77
N GLY A 16 1.99 -2.45 -1.87
CA GLY A 16 1.74 -3.86 -1.61
C GLY A 16 0.34 -4.20 -2.01
N ALA A 17 -0.60 -4.15 -1.05
CA ALA A 17 -1.96 -4.60 -1.19
C ALA A 17 -2.78 -3.88 -2.26
N LEU A 18 -2.74 -2.53 -2.32
CA LEU A 18 -3.47 -1.77 -3.34
C LEU A 18 -2.92 -2.02 -4.73
N LYS A 19 -1.58 -2.07 -4.88
CA LYS A 19 -0.92 -2.41 -6.13
C LYS A 19 -1.30 -3.81 -6.61
N GLU A 20 -1.28 -4.81 -5.72
CA GLU A 20 -1.63 -6.17 -6.05
C GLU A 20 -3.10 -6.38 -6.38
N LEU A 21 -4.00 -5.72 -5.61
CA LEU A 21 -5.42 -5.66 -5.90
C LEU A 21 -5.70 -4.99 -7.24
N ALA A 22 -5.07 -3.82 -7.52
CA ALA A 22 -5.18 -3.14 -8.80
C ALA A 22 -4.65 -3.97 -9.96
N SER A 23 -3.48 -4.62 -9.81
CA SER A 23 -2.95 -5.54 -10.82
C SER A 23 -3.85 -6.73 -11.11
N THR A 24 -4.44 -7.36 -10.07
CA THR A 24 -5.27 -8.54 -10.26
C THR A 24 -6.69 -8.20 -10.70
N TYR A 25 -7.13 -6.93 -10.53
CA TYR A 25 -8.34 -6.37 -11.09
C TYR A 25 -8.16 -5.95 -12.55
N ALA A 26 -7.11 -5.14 -12.85
CA ALA A 26 -6.80 -4.67 -14.18
C ALA A 26 -6.35 -5.77 -15.14
N ASN A 27 -5.53 -6.72 -14.65
CA ASN A 27 -5.07 -7.88 -15.40
C ASN A 27 -4.23 -7.55 -16.62
#